data_6SSY
#
_entry.id   6SSY
#
_cell.length_a   45.100
_cell.length_b   71.640
_cell.length_c   164.550
_cell.angle_alpha   90.00
_cell.angle_beta   90.00
_cell.angle_gamma   90.00
#
_symmetry.space_group_name_H-M   'P 21 21 21'
#
loop_
_entity.id
_entity.type
_entity.pdbx_description
1 polymer 'Taurine-binding periplasmic protein'
2 non-polymer '(2-aminoethyl)phosphonic acid'
3 non-polymer 'IODIDE ION'
4 non-polymer GLYCEROL
5 water water
#
_entity_poly.entity_id   1
_entity_poly.type   'polypeptide(L)'
_entity_poly.pdbx_seq_one_letter_code
;MVNVTVAYQTSAEPAKVAQADNTFAKESGATVDWRKFDSGASIVRALASGDVQIGNLGSSPLAVAASQQVPIEVFLLASK
LGNSEALVVKKTISKPEDLIGKRIAVPFISTTHYSLLAALKHWGIKPGQVEIVNLQPPAIIAAWQRGDIDGAYVWAPAVN
ALEKDGKVLTDSEQVGQWGAPTLDVWVVRKDFAEKHPEVVKAFAKSAIDAQQPYIANPDVWLKQPENISKLARLSGVPEG
DVPGLVKGNTYLTPQQQTAELTGPVNKAIIDTAQFLKEQGKVPAVANDYSQYVTSRFV
;
_entity_poly.pdbx_strand_id   A,B
#
loop_
_chem_comp.id
_chem_comp.type
_chem_comp.name
_chem_comp.formula
GOL non-polymer GLYCEROL 'C3 H8 O3'
IOD non-polymer 'IODIDE ION' 'I -1'
P7I non-polymer '(2-aminoethyl)phosphonic acid' 'C2 H8 N O3 P'
#
# COMPACT_ATOMS: atom_id res chain seq x y z
N MET A 1 9.59 -11.25 -14.26
CA MET A 1 8.25 -10.82 -14.63
C MET A 1 7.18 -11.71 -13.99
N VAL A 2 6.39 -11.11 -13.12
CA VAL A 2 5.31 -11.81 -12.42
C VAL A 2 4.00 -11.27 -12.97
N ASN A 3 3.10 -12.17 -13.32
CA ASN A 3 1.72 -11.85 -13.60
C ASN A 3 0.87 -12.48 -12.50
N VAL A 4 -0.08 -11.72 -11.99
CA VAL A 4 -0.93 -12.22 -10.93
C VAL A 4 -2.33 -11.68 -11.19
N THR A 5 -3.32 -12.55 -11.05
CA THR A 5 -4.72 -12.18 -11.18
C THR A 5 -5.33 -12.12 -9.79
N VAL A 6 -5.90 -10.97 -9.45
CA VAL A 6 -6.51 -10.71 -8.15
C VAL A 6 -8.02 -10.64 -8.35
N ALA A 7 -8.74 -11.51 -7.64
CA ALA A 7 -10.21 -11.49 -7.67
C ALA A 7 -10.70 -10.59 -6.56
N TYR A 8 -11.40 -9.51 -6.92
CA TYR A 8 -11.91 -8.58 -5.94
C TYR A 8 -13.43 -8.52 -5.98
N GLN A 9 -13.99 -8.01 -4.90
CA GLN A 9 -15.44 -7.87 -4.73
C GLN A 9 -15.77 -6.40 -4.44
N THR A 10 -17.05 -6.10 -4.24
CA THR A 10 -17.50 -4.71 -4.37
C THR A 10 -17.71 -3.99 -3.03
N SER A 11 -17.28 -4.55 -1.91
CA SER A 11 -17.43 -3.86 -0.63
C SER A 11 -16.70 -2.53 -0.65
N ALA A 12 -17.38 -1.47 -0.21
CA ALA A 12 -16.77 -0.15 -0.10
C ALA A 12 -16.02 -0.08 1.23
N GLU A 13 -14.70 -0.24 1.18
CA GLU A 13 -13.88 -0.22 2.39
C GLU A 13 -12.54 0.44 2.04
N PRO A 14 -11.79 0.89 3.05
CA PRO A 14 -10.67 1.81 2.77
C PRO A 14 -9.59 1.23 1.89
N ALA A 15 -9.39 -0.09 1.90
CA ALA A 15 -8.32 -0.61 1.07
C ALA A 15 -8.61 -0.46 -0.42
N LYS A 16 -9.85 -0.12 -0.80
CA LYS A 16 -10.13 0.18 -2.21
C LYS A 16 -9.32 1.38 -2.72
N VAL A 17 -8.85 2.26 -1.82
CA VAL A 17 -8.01 3.37 -2.24
C VAL A 17 -6.69 2.87 -2.81
N ALA A 18 -6.08 1.86 -2.14
CA ALA A 18 -4.86 1.26 -2.68
C ALA A 18 -5.13 0.57 -4.01
N GLN A 19 -6.28 -0.09 -4.15
CA GLN A 19 -6.61 -0.69 -5.43
C GLN A 19 -6.71 0.37 -6.52
N ALA A 20 -7.43 1.46 -6.26
CA ALA A 20 -7.58 2.51 -7.27
C ALA A 20 -6.24 3.16 -7.61
N ASP A 21 -5.37 3.32 -6.63
CA ASP A 21 -4.05 3.90 -6.84
C ASP A 21 -3.05 2.93 -7.47
N ASN A 22 -3.44 1.67 -7.70
CA ASN A 22 -2.54 0.65 -8.25
C ASN A 22 -1.31 0.42 -7.36
N THR A 23 -1.45 0.60 -6.04
CA THR A 23 -0.28 0.59 -5.15
C THR A 23 0.38 -0.79 -5.10
N PHE A 24 -0.42 -1.85 -5.07
CA PHE A 24 0.11 -3.21 -5.06
C PHE A 24 1.00 -3.47 -6.27
N ALA A 25 0.52 -3.14 -7.48
CA ALA A 25 1.34 -3.33 -8.67
C ALA A 25 2.61 -2.50 -8.58
N LYS A 26 2.50 -1.25 -8.13
CA LYS A 26 3.66 -0.37 -8.11
C LYS A 26 4.72 -0.87 -7.16
N GLU A 27 4.31 -1.36 -5.98
CA GLU A 27 5.26 -1.74 -4.94
C GLU A 27 5.82 -3.15 -5.16
N SER A 28 5.00 -4.05 -5.73
CA SER A 28 5.44 -5.42 -5.98
C SER A 28 6.20 -5.56 -7.29
N GLY A 29 5.99 -4.64 -8.24
CA GLY A 29 6.56 -4.79 -9.57
C GLY A 29 5.86 -5.81 -10.45
N ALA A 30 4.76 -6.41 -9.98
CA ALA A 30 4.07 -7.41 -10.76
C ALA A 30 3.08 -6.73 -11.71
N THR A 31 2.75 -7.41 -12.80
CA THR A 31 1.61 -7.01 -13.62
C THR A 31 0.36 -7.62 -13.00
N VAL A 32 -0.55 -6.75 -12.53
CA VAL A 32 -1.71 -7.18 -11.76
C VAL A 32 -2.95 -7.03 -12.64
N ASP A 33 -3.70 -8.13 -12.80
CA ASP A 33 -5.01 -8.12 -13.45
C ASP A 33 -6.05 -8.18 -12.34
N TRP A 34 -6.69 -7.05 -12.06
CA TRP A 34 -7.79 -7.00 -11.08
C TRP A 34 -9.08 -7.38 -11.77
N ARG A 35 -9.69 -8.49 -11.33
CA ARG A 35 -10.88 -9.04 -11.96
C ARG A 35 -12.02 -8.98 -10.95
N LYS A 36 -13.11 -8.29 -11.32
CA LYS A 36 -14.26 -8.19 -10.42
C LYS A 36 -15.09 -9.46 -10.49
N PHE A 37 -15.41 -10.01 -9.33
CA PHE A 37 -16.29 -11.16 -9.22
C PHE A 37 -17.55 -10.78 -8.45
N ASP A 38 -18.65 -11.44 -8.76
CA ASP A 38 -19.92 -11.04 -8.17
C ASP A 38 -20.20 -11.67 -6.81
N SER A 39 -19.49 -12.72 -6.43
CA SER A 39 -19.64 -13.35 -5.11
C SER A 39 -18.45 -14.27 -4.89
N GLY A 40 -18.32 -14.74 -3.63
CA GLY A 40 -17.17 -15.55 -3.26
C GLY A 40 -17.16 -16.93 -3.88
N ALA A 41 -18.33 -17.55 -4.03
CA ALA A 41 -18.36 -18.88 -4.63
C ALA A 41 -17.68 -18.90 -5.98
N SER A 42 -17.92 -17.89 -6.83
CA SER A 42 -17.26 -17.90 -8.13
C SER A 42 -15.76 -17.69 -8.00
N ILE A 43 -15.32 -16.99 -6.94
CA ILE A 43 -13.89 -16.83 -6.72
C ILE A 43 -13.26 -18.15 -6.27
N VAL A 44 -13.96 -18.91 -5.43
CA VAL A 44 -13.45 -20.21 -5.02
C VAL A 44 -13.18 -21.08 -6.24
N ARG A 45 -14.13 -21.11 -7.18
CA ARG A 45 -13.94 -21.91 -8.39
C ARG A 45 -12.72 -21.43 -9.19
N ALA A 46 -12.54 -20.11 -9.28
CA ALA A 46 -11.40 -19.58 -10.02
C ALA A 46 -10.08 -19.81 -9.30
N LEU A 47 -10.08 -19.81 -7.96
CA LEU A 47 -8.88 -20.18 -7.22
C LEU A 47 -8.54 -21.65 -7.42
N ALA A 48 -9.55 -22.52 -7.39
CA ALA A 48 -9.32 -23.96 -7.50
C ALA A 48 -8.77 -24.31 -8.87
N SER A 49 -9.19 -23.61 -9.92
CA SER A 49 -8.70 -23.89 -11.26
C SER A 49 -7.36 -23.22 -11.55
N GLY A 50 -6.89 -22.33 -10.67
CA GLY A 50 -5.66 -21.60 -10.89
C GLY A 50 -5.79 -20.34 -11.72
N ASP A 51 -7.01 -19.95 -12.10
CA ASP A 51 -7.19 -18.73 -12.88
C ASP A 51 -7.01 -17.48 -12.03
N VAL A 52 -7.13 -17.61 -10.71
CA VAL A 52 -6.95 -16.52 -9.77
C VAL A 52 -5.94 -16.99 -8.73
N GLN A 53 -5.03 -16.12 -8.34
CA GLN A 53 -4.03 -16.47 -7.34
C GLN A 53 -4.25 -15.81 -5.98
N ILE A 54 -4.82 -14.61 -5.94
CA ILE A 54 -5.18 -13.93 -4.70
C ILE A 54 -6.65 -13.53 -4.82
N GLY A 55 -7.44 -13.79 -3.79
CA GLY A 55 -8.87 -13.57 -3.89
C GLY A 55 -9.46 -13.06 -2.59
N ASN A 56 -10.50 -12.23 -2.72
CA ASN A 56 -11.22 -11.71 -1.57
C ASN A 56 -12.46 -12.58 -1.33
N LEU A 57 -12.51 -13.27 -0.19
CA LEU A 57 -13.60 -14.19 0.12
C LEU A 57 -14.30 -13.81 1.42
N GLY A 58 -15.62 -13.93 1.42
CA GLY A 58 -16.32 -13.96 2.69
C GLY A 58 -15.95 -15.20 3.49
N SER A 59 -16.22 -15.15 4.79
CA SER A 59 -15.86 -16.28 5.64
C SER A 59 -16.64 -17.53 5.29
N SER A 60 -17.86 -17.37 4.75
CA SER A 60 -18.66 -18.55 4.39
C SER A 60 -18.10 -19.24 3.16
N PRO A 61 -17.85 -18.57 2.03
CA PRO A 61 -17.16 -19.27 0.93
C PRO A 61 -15.78 -19.78 1.33
N LEU A 62 -15.09 -19.07 2.22
CA LEU A 62 -13.80 -19.58 2.71
C LEU A 62 -13.97 -20.94 3.37
N ALA A 63 -14.95 -21.07 4.25
CA ALA A 63 -15.13 -22.33 4.95
C ALA A 63 -15.50 -23.45 3.98
N VAL A 64 -16.30 -23.15 2.96
CA VAL A 64 -16.64 -24.16 1.96
C VAL A 64 -15.39 -24.60 1.23
N ALA A 65 -14.56 -23.64 0.81
CA ALA A 65 -13.34 -23.93 0.07
C ALA A 65 -12.36 -24.75 0.93
N ALA A 66 -12.23 -24.39 2.21
CA ALA A 66 -11.30 -25.10 3.08
C ALA A 66 -11.79 -26.52 3.34
N SER A 67 -13.11 -26.69 3.48
CA SER A 67 -13.65 -28.02 3.68
CA SER A 67 -13.67 -28.02 3.67
C SER A 67 -13.50 -28.90 2.44
N GLN A 68 -13.30 -28.30 1.27
CA GLN A 68 -13.02 -29.04 0.05
C GLN A 68 -11.51 -29.17 -0.23
N GLN A 69 -10.66 -28.70 0.68
CA GLN A 69 -9.20 -28.82 0.56
C GLN A 69 -8.65 -28.05 -0.63
N VAL A 70 -9.28 -26.94 -0.99
CA VAL A 70 -8.66 -26.03 -1.95
C VAL A 70 -7.36 -25.49 -1.34
N PRO A 71 -6.22 -25.54 -2.03
CA PRO A 71 -4.93 -25.16 -1.43
C PRO A 71 -4.71 -23.65 -1.36
N ILE A 72 -5.44 -23.00 -0.46
CA ILE A 72 -5.38 -21.56 -0.25
C ILE A 72 -5.20 -21.30 1.24
N GLU A 73 -4.63 -20.14 1.56
CA GLU A 73 -4.53 -19.68 2.95
C GLU A 73 -5.03 -18.25 3.06
N VAL A 74 -5.84 -17.99 4.10
CA VAL A 74 -6.05 -16.62 4.57
C VAL A 74 -4.72 -16.04 4.98
N PHE A 75 -4.34 -14.90 4.39
CA PHE A 75 -3.11 -14.22 4.81
C PHE A 75 -3.36 -12.81 5.30
N LEU A 76 -4.61 -12.39 5.38
CA LEU A 76 -4.96 -11.01 5.69
C LEU A 76 -6.46 -10.97 5.88
N LEU A 77 -6.91 -10.26 6.92
CA LEU A 77 -8.33 -9.97 7.05
C LEU A 77 -8.63 -8.68 6.29
N ALA A 78 -9.76 -8.66 5.61
CA ALA A 78 -10.19 -7.43 4.97
CA ALA A 78 -10.19 -7.43 4.97
C ALA A 78 -11.06 -6.59 5.91
N SER A 79 -12.08 -7.21 6.48
CA SER A 79 -12.96 -6.49 7.40
C SER A 79 -13.68 -7.48 8.30
N LYS A 80 -14.15 -6.97 9.43
CA LYS A 80 -15.16 -7.65 10.24
C LYS A 80 -16.49 -7.03 9.87
N LEU A 81 -17.40 -7.85 9.33
CA LEU A 81 -18.59 -7.33 8.66
C LEU A 81 -19.63 -6.88 9.67
N GLY A 82 -20.16 -5.67 9.46
CA GLY A 82 -21.28 -5.16 10.22
C GLY A 82 -22.47 -4.88 9.34
N ASN A 83 -23.11 -3.73 9.48
CA ASN A 83 -24.33 -3.49 8.71
C ASN A 83 -24.06 -3.06 7.27
N SER A 84 -22.81 -3.16 6.79
CA SER A 84 -22.58 -3.05 5.36
C SER A 84 -23.21 -4.20 4.59
N GLU A 85 -23.55 -5.29 5.27
CA GLU A 85 -24.33 -6.39 4.69
C GLU A 85 -25.66 -6.46 5.41
N ALA A 86 -26.77 -6.45 4.66
CA ALA A 86 -28.08 -6.33 5.31
C ALA A 86 -29.16 -7.07 4.52
N LEU A 87 -30.19 -7.50 5.27
CA LEU A 87 -31.40 -8.09 4.71
C LEU A 87 -32.38 -6.94 4.45
N VAL A 88 -32.56 -6.61 3.17
CA VAL A 88 -33.48 -5.56 2.74
C VAL A 88 -34.72 -6.22 2.14
N VAL A 89 -35.90 -5.75 2.53
CA VAL A 89 -37.14 -6.40 2.13
C VAL A 89 -38.18 -5.36 1.69
N LYS A 90 -39.21 -5.85 1.00
CA LYS A 90 -40.35 -5.00 0.66
C LYS A 90 -40.91 -4.36 1.93
N LYS A 91 -41.37 -3.12 1.80
CA LYS A 91 -41.70 -2.32 2.98
C LYS A 91 -42.89 -2.89 3.74
N THR A 92 -43.74 -3.70 3.09
CA THR A 92 -44.84 -4.36 3.78
C THR A 92 -44.39 -5.54 4.64
N ILE A 93 -43.16 -6.01 4.48
CA ILE A 93 -42.58 -7.00 5.39
C ILE A 93 -42.04 -6.23 6.58
N SER A 94 -42.76 -6.29 7.71
CA SER A 94 -42.44 -5.49 8.87
C SER A 94 -41.78 -6.25 10.01
N LYS A 95 -41.96 -7.56 10.06
CA LYS A 95 -41.53 -8.39 11.18
C LYS A 95 -40.98 -9.70 10.63
N PRO A 96 -40.03 -10.33 11.33
CA PRO A 96 -39.47 -11.60 10.83
C PRO A 96 -40.51 -12.64 10.45
N GLU A 97 -41.59 -12.76 11.22
CA GLU A 97 -42.64 -13.72 10.85
C GLU A 97 -43.26 -13.37 9.49
N ASP A 98 -43.14 -12.13 9.03
CA ASP A 98 -43.63 -11.80 7.69
C ASP A 98 -42.78 -12.40 6.58
N LEU A 99 -41.59 -12.94 6.91
CA LEU A 99 -40.77 -13.60 5.90
C LEU A 99 -41.33 -14.96 5.49
N ILE A 100 -42.22 -15.53 6.29
CA ILE A 100 -42.78 -16.84 5.98
C ILE A 100 -43.62 -16.74 4.70
N GLY A 101 -43.30 -17.59 3.72
CA GLY A 101 -43.98 -17.58 2.46
C GLY A 101 -43.37 -16.68 1.41
N LYS A 102 -42.35 -15.91 1.75
CA LYS A 102 -41.80 -14.91 0.85
C LYS A 102 -40.60 -15.45 0.09
N ARG A 103 -40.24 -14.74 -0.98
CA ARG A 103 -39.15 -15.10 -1.85
C ARG A 103 -37.97 -14.19 -1.53
N ILE A 104 -36.92 -14.74 -0.92
CA ILE A 104 -35.75 -13.98 -0.48
C ILE A 104 -34.53 -14.50 -1.23
N ALA A 105 -33.81 -13.61 -1.91
CA ALA A 105 -32.64 -13.98 -2.70
C ALA A 105 -31.33 -13.78 -1.92
N VAL A 106 -30.40 -14.71 -2.11
CA VAL A 106 -29.01 -14.56 -1.65
C VAL A 106 -28.09 -15.24 -2.63
N PRO A 107 -26.90 -14.69 -2.82
CA PRO A 107 -25.91 -15.43 -3.63
C PRO A 107 -25.46 -16.67 -2.86
N PHE A 108 -25.41 -17.80 -3.56
CA PHE A 108 -25.15 -19.09 -2.93
C PHE A 108 -23.88 -19.06 -2.09
N ILE A 109 -24.02 -19.53 -0.84
CA ILE A 109 -23.02 -19.71 0.23
C ILE A 109 -22.20 -18.44 0.50
N SER A 110 -22.72 -17.28 0.10
CA SER A 110 -22.10 -16.03 0.50
C SER A 110 -22.24 -15.84 2.02
N THR A 111 -21.49 -14.87 2.55
CA THR A 111 -21.69 -14.49 3.94
C THR A 111 -23.14 -14.12 4.21
N THR A 112 -23.85 -13.56 3.22
CA THR A 112 -25.24 -13.18 3.43
C THR A 112 -26.19 -14.37 3.34
N HIS A 113 -25.84 -15.40 2.56
CA HIS A 113 -26.55 -16.67 2.66
C HIS A 113 -26.40 -17.25 4.06
N TYR A 114 -25.16 -17.34 4.55
CA TYR A 114 -24.87 -17.80 5.90
C TYR A 114 -25.61 -16.98 6.95
N SER A 115 -25.57 -15.64 6.84
CA SER A 115 -26.22 -14.82 7.87
C SER A 115 -27.74 -14.91 7.78
N LEU A 116 -28.30 -15.04 6.58
CA LEU A 116 -29.74 -15.25 6.47
C LEU A 116 -30.15 -16.50 7.22
N LEU A 117 -29.41 -17.60 7.03
CA LEU A 117 -29.72 -18.84 7.75
C LEU A 117 -29.55 -18.67 9.25
N ALA A 118 -28.49 -17.96 9.66
CA ALA A 118 -28.30 -17.74 11.09
C ALA A 118 -29.39 -16.86 11.65
N ALA A 119 -29.85 -15.87 10.87
CA ALA A 119 -30.93 -14.99 11.34
C ALA A 119 -32.25 -15.77 11.48
N LEU A 120 -32.57 -16.62 10.50
CA LEU A 120 -33.78 -17.41 10.60
C LEU A 120 -33.73 -18.31 11.83
N LYS A 121 -32.59 -18.97 12.07
CA LYS A 121 -32.47 -19.82 13.24
C LYS A 121 -32.66 -19.01 14.53
N HIS A 122 -31.99 -17.86 14.63
CA HIS A 122 -32.15 -17.03 15.82
C HIS A 122 -33.59 -16.65 16.06
N TRP A 123 -34.32 -16.34 14.98
CA TRP A 123 -35.72 -15.96 15.06
C TRP A 123 -36.66 -17.14 15.27
N GLY A 124 -36.17 -18.37 15.19
CA GLY A 124 -37.03 -19.52 15.29
C GLY A 124 -37.82 -19.83 14.04
N ILE A 125 -37.34 -19.42 12.87
CA ILE A 125 -38.00 -19.70 11.60
C ILE A 125 -37.19 -20.75 10.87
N LYS A 126 -37.87 -21.81 10.42
CA LYS A 126 -37.16 -22.84 9.66
C LYS A 126 -36.90 -22.35 8.24
N PRO A 127 -35.75 -22.66 7.66
CA PRO A 127 -35.45 -22.16 6.30
C PRO A 127 -36.38 -22.71 5.24
N GLY A 128 -37.10 -23.79 5.51
CA GLY A 128 -38.08 -24.27 4.56
C GLY A 128 -39.37 -23.48 4.53
N GLN A 129 -39.58 -22.62 5.54
CA GLN A 129 -40.72 -21.72 5.55
C GLN A 129 -40.53 -20.52 4.63
N VAL A 130 -39.30 -20.23 4.22
CA VAL A 130 -38.99 -19.11 3.35
C VAL A 130 -38.52 -19.67 2.01
N GLU A 131 -38.95 -19.05 0.92
CA GLU A 131 -38.49 -19.45 -0.41
C GLU A 131 -37.17 -18.76 -0.69
N ILE A 132 -36.07 -19.41 -0.32
CA ILE A 132 -34.73 -18.85 -0.49
C ILE A 132 -34.23 -19.22 -1.88
N VAL A 133 -33.95 -18.20 -2.69
CA VAL A 133 -33.53 -18.42 -4.07
C VAL A 133 -32.13 -17.86 -4.24
N ASN A 134 -31.36 -18.51 -5.09
CA ASN A 134 -29.96 -18.16 -5.27
C ASN A 134 -29.81 -17.34 -6.54
N LEU A 135 -29.34 -16.11 -6.40
CA LEU A 135 -29.07 -15.22 -7.52
C LEU A 135 -27.80 -14.44 -7.19
N GLN A 136 -27.02 -14.13 -8.22
CA GLN A 136 -25.88 -13.24 -8.04
C GLN A 136 -26.39 -11.79 -7.93
N PRO A 137 -25.61 -10.91 -7.31
CA PRO A 137 -26.12 -9.57 -6.95
C PRO A 137 -26.65 -8.77 -8.14
N PRO A 138 -26.05 -8.83 -9.34
CA PRO A 138 -26.69 -8.08 -10.45
C PRO A 138 -28.07 -8.62 -10.79
N ALA A 139 -28.24 -9.94 -10.75
CA ALA A 139 -29.56 -10.52 -11.00
C ALA A 139 -30.52 -10.17 -9.87
N ILE A 140 -30.03 -10.09 -8.64
CA ILE A 140 -30.89 -9.71 -7.51
C ILE A 140 -31.44 -8.31 -7.70
N ILE A 141 -30.59 -7.37 -8.13
CA ILE A 141 -31.05 -6.01 -8.36
C ILE A 141 -32.12 -6.00 -9.43
N ALA A 142 -31.89 -6.72 -10.54
CA ALA A 142 -32.85 -6.73 -11.64
C ALA A 142 -34.16 -7.38 -11.22
N ALA A 143 -34.08 -8.47 -10.45
CA ALA A 143 -35.31 -9.14 -10.01
C ALA A 143 -36.08 -8.27 -9.03
N TRP A 144 -35.38 -7.55 -8.16
CA TRP A 144 -36.04 -6.62 -7.23
C TRP A 144 -36.76 -5.52 -7.99
N GLN A 145 -36.11 -4.95 -9.00
CA GLN A 145 -36.70 -3.89 -9.79
C GLN A 145 -37.99 -4.31 -10.47
N ARG A 146 -38.09 -5.59 -10.87
CA ARG A 146 -39.26 -6.09 -11.55
C ARG A 146 -40.27 -6.73 -10.61
N GLY A 147 -40.02 -6.67 -9.29
CA GLY A 147 -40.94 -7.22 -8.32
C GLY A 147 -40.92 -8.73 -8.20
N ASP A 148 -39.90 -9.41 -8.69
CA ASP A 148 -39.88 -10.87 -8.75
C ASP A 148 -39.36 -11.50 -7.46
N ILE A 149 -38.82 -10.71 -6.53
CA ILE A 149 -38.41 -11.19 -5.22
C ILE A 149 -38.96 -10.21 -4.18
N ASP A 150 -39.06 -10.70 -2.94
CA ASP A 150 -39.59 -9.91 -1.83
C ASP A 150 -38.49 -9.27 -0.99
N GLY A 151 -37.23 -9.58 -1.25
CA GLY A 151 -36.14 -9.07 -0.47
C GLY A 151 -34.88 -9.85 -0.77
N ALA A 152 -33.79 -9.43 -0.15
CA ALA A 152 -32.51 -10.08 -0.38
C ALA A 152 -31.56 -9.70 0.73
N TYR A 153 -30.64 -10.60 1.06
CA TYR A 153 -29.55 -10.31 1.99
C TYR A 153 -28.30 -10.10 1.14
N VAL A 154 -27.79 -8.86 1.14
CA VAL A 154 -26.87 -8.41 0.10
C VAL A 154 -25.84 -7.46 0.70
N TRP A 155 -24.81 -7.19 -0.09
CA TRP A 155 -23.79 -6.19 0.19
C TRP A 155 -23.80 -5.18 -0.96
N ALA A 156 -22.93 -4.17 -0.87
CA ALA A 156 -22.92 -3.11 -1.89
C ALA A 156 -22.45 -3.66 -3.24
N PRO A 157 -23.00 -3.15 -4.35
CA PRO A 157 -23.97 -2.06 -4.48
C PRO A 157 -25.43 -2.51 -4.39
N ALA A 158 -25.69 -3.81 -4.29
CA ALA A 158 -27.07 -4.27 -4.21
C ALA A 158 -27.74 -3.80 -2.93
N VAL A 159 -27.00 -3.75 -1.81
CA VAL A 159 -27.67 -3.42 -0.55
C VAL A 159 -28.21 -2.00 -0.59
N ASN A 160 -27.46 -1.06 -1.19
CA ASN A 160 -27.99 0.30 -1.21
C ASN A 160 -28.99 0.51 -2.35
N ALA A 161 -28.86 -0.25 -3.44
CA ALA A 161 -29.86 -0.21 -4.50
C ALA A 161 -31.23 -0.65 -3.97
N LEU A 162 -31.26 -1.74 -3.20
CA LEU A 162 -32.53 -2.23 -2.67
C LEU A 162 -33.08 -1.31 -1.59
N GLU A 163 -32.21 -0.77 -0.74
CA GLU A 163 -32.67 0.04 0.39
C GLU A 163 -33.31 1.36 -0.04
N LYS A 164 -33.06 1.81 -1.28
CA LYS A 164 -33.67 3.05 -1.73
C LYS A 164 -35.20 2.97 -1.71
N ASP A 165 -35.77 1.78 -1.86
CA ASP A 165 -37.22 1.60 -1.82
C ASP A 165 -37.62 0.42 -0.95
N GLY A 166 -36.73 -0.04 -0.08
CA GLY A 166 -37.04 -1.16 0.78
C GLY A 166 -36.69 -0.87 2.22
N LYS A 167 -36.81 -1.85 3.09
CA LYS A 167 -36.57 -1.67 4.51
C LYS A 167 -35.56 -2.70 4.99
N VAL A 168 -34.69 -2.29 5.91
CA VAL A 168 -33.72 -3.23 6.51
C VAL A 168 -34.41 -3.98 7.63
N LEU A 169 -34.44 -5.31 7.53
CA LEU A 169 -35.02 -6.16 8.57
C LEU A 169 -33.98 -6.63 9.58
N THR A 170 -32.78 -6.96 9.11
CA THR A 170 -31.66 -7.23 10.00
C THR A 170 -30.39 -6.93 9.22
N ASP A 171 -29.25 -7.05 9.89
CA ASP A 171 -27.97 -6.79 9.25
C ASP A 171 -26.90 -7.62 9.94
N SER A 172 -25.69 -7.61 9.37
CA SER A 172 -24.70 -8.54 9.88
C SER A 172 -24.01 -8.08 11.15
N GLU A 173 -24.17 -6.81 11.54
CA GLU A 173 -23.78 -6.45 12.91
C GLU A 173 -24.68 -7.14 13.92
N GLN A 174 -25.99 -7.12 13.67
CA GLN A 174 -26.92 -7.83 14.56
C GLN A 174 -26.68 -9.33 14.53
N VAL A 175 -26.58 -9.91 13.34
CA VAL A 175 -26.38 -11.36 13.27
C VAL A 175 -25.06 -11.73 13.96
N GLY A 176 -24.04 -10.88 13.87
CA GLY A 176 -22.83 -11.12 14.62
C GLY A 176 -23.06 -11.10 16.12
N GLN A 177 -23.87 -10.13 16.60
CA GLN A 177 -24.20 -10.07 18.02
C GLN A 177 -24.97 -11.30 18.48
N TRP A 178 -25.79 -11.89 17.59
CA TRP A 178 -26.52 -13.10 17.89
C TRP A 178 -25.66 -14.34 17.87
N GLY A 179 -24.38 -14.22 17.55
CA GLY A 179 -23.44 -15.32 17.65
C GLY A 179 -22.93 -15.87 16.35
N ALA A 180 -23.24 -15.25 15.22
CA ALA A 180 -22.81 -15.73 13.90
C ALA A 180 -22.09 -14.64 13.13
N PRO A 181 -20.95 -14.15 13.64
CA PRO A 181 -20.22 -13.08 12.93
C PRO A 181 -19.66 -13.58 11.62
N THR A 182 -19.54 -12.66 10.66
CA THR A 182 -18.95 -12.96 9.37
C THR A 182 -17.79 -12.00 9.13
N LEU A 183 -16.86 -12.44 8.27
CA LEU A 183 -15.65 -11.69 7.95
C LEU A 183 -15.44 -11.69 6.46
N ASP A 184 -14.69 -10.69 5.99
CA ASP A 184 -14.10 -10.72 4.65
C ASP A 184 -12.60 -10.89 4.79
N VAL A 185 -12.01 -11.78 3.98
CA VAL A 185 -10.60 -12.12 4.09
C VAL A 185 -9.96 -12.12 2.70
N TRP A 186 -8.62 -12.04 2.67
CA TRP A 186 -7.84 -12.27 1.45
C TRP A 186 -7.12 -13.61 1.56
N VAL A 187 -7.16 -14.40 0.48
CA VAL A 187 -6.53 -15.71 0.44
C VAL A 187 -5.60 -15.78 -0.75
N VAL A 188 -4.61 -16.68 -0.65
CA VAL A 188 -3.60 -16.86 -1.69
C VAL A 188 -3.41 -18.36 -1.92
N ARG A 189 -3.24 -18.74 -3.20
CA ARG A 189 -2.90 -20.10 -3.56
C ARG A 189 -1.50 -20.45 -3.08
N LYS A 190 -1.33 -21.68 -2.57
CA LYS A 190 -0.04 -22.13 -2.07
C LYS A 190 1.04 -22.02 -3.15
N ASP A 191 0.76 -22.47 -4.38
CA ASP A 191 1.84 -22.45 -5.37
C ASP A 191 2.29 -21.01 -5.67
N PHE A 192 1.37 -20.06 -5.64
CA PHE A 192 1.78 -18.67 -5.84
C PHE A 192 2.58 -18.15 -4.66
N ALA A 193 2.14 -18.47 -3.45
CA ALA A 193 2.87 -18.05 -2.25
C ALA A 193 4.27 -18.63 -2.22
N GLU A 194 4.43 -19.85 -2.73
CA GLU A 194 5.73 -20.51 -2.78
C GLU A 194 6.68 -19.83 -3.75
N LYS A 195 6.16 -19.40 -4.90
CA LYS A 195 7.03 -18.84 -5.94
C LYS A 195 7.31 -17.35 -5.75
N HIS A 196 6.33 -16.60 -5.23
CA HIS A 196 6.41 -15.14 -5.16
C HIS A 196 6.03 -14.63 -3.77
N PRO A 197 6.72 -15.07 -2.73
CA PRO A 197 6.37 -14.61 -1.37
C PRO A 197 6.48 -13.10 -1.20
N GLU A 198 7.44 -12.46 -1.85
CA GLU A 198 7.56 -11.01 -1.70
C GLU A 198 6.39 -10.29 -2.36
N VAL A 199 5.78 -10.90 -3.39
CA VAL A 199 4.59 -10.28 -3.99
C VAL A 199 3.41 -10.39 -3.03
N VAL A 200 3.26 -11.54 -2.39
CA VAL A 200 2.19 -11.70 -1.39
C VAL A 200 2.38 -10.71 -0.25
N LYS A 201 3.62 -10.58 0.25
CA LYS A 201 3.88 -9.59 1.28
C LYS A 201 3.51 -8.18 0.83
N ALA A 202 3.82 -7.83 -0.42
CA ALA A 202 3.49 -6.49 -0.88
C ALA A 202 1.98 -6.27 -0.99
N PHE A 203 1.24 -7.31 -1.38
CA PHE A 203 -0.21 -7.18 -1.35
C PHE A 203 -0.69 -6.87 0.06
N ALA A 204 -0.27 -7.66 1.04
CA ALA A 204 -0.71 -7.43 2.41
C ALA A 204 -0.32 -6.04 2.89
N LYS A 205 0.91 -5.61 2.58
CA LYS A 205 1.34 -4.27 2.97
C LYS A 205 0.45 -3.20 2.36
N SER A 206 0.10 -3.33 1.07
CA SER A 206 -0.68 -2.28 0.43
C SER A 206 -2.04 -2.15 1.08
N ALA A 207 -2.67 -3.28 1.40
CA ALA A 207 -3.99 -3.28 2.01
C ALA A 207 -3.95 -2.77 3.43
N ILE A 208 -3.00 -3.27 4.24
CA ILE A 208 -2.91 -2.84 5.63
C ILE A 208 -2.62 -1.35 5.72
N ASP A 209 -1.62 -0.86 4.97
CA ASP A 209 -1.31 0.57 4.97
C ASP A 209 -2.52 1.41 4.60
N ALA A 210 -3.33 0.97 3.63
CA ALA A 210 -4.46 1.80 3.23
C ALA A 210 -5.51 1.93 4.32
N GLN A 211 -5.65 0.92 5.18
CA GLN A 211 -6.71 0.94 6.18
C GLN A 211 -6.32 1.69 7.46
N GLN A 212 -5.03 1.80 7.76
CA GLN A 212 -4.63 2.40 9.03
C GLN A 212 -5.05 3.87 9.17
N PRO A 213 -4.94 4.72 8.14
CA PRO A 213 -5.43 6.11 8.30
C PRO A 213 -6.91 6.19 8.61
N TYR A 214 -7.72 5.26 8.09
CA TYR A 214 -9.12 5.24 8.47
C TYR A 214 -9.30 4.85 9.93
N ILE A 215 -8.65 3.76 10.35
CA ILE A 215 -8.75 3.31 11.74
C ILE A 215 -8.34 4.43 12.69
N ALA A 216 -7.29 5.17 12.34
CA ALA A 216 -6.78 6.20 13.23
C ALA A 216 -7.80 7.31 13.47
N ASN A 217 -8.54 7.70 12.43
CA ASN A 217 -9.54 8.75 12.58
C ASN A 217 -10.55 8.64 11.42
N PRO A 218 -11.64 7.90 11.61
CA PRO A 218 -12.57 7.70 10.49
C PRO A 218 -13.09 9.00 9.91
N ASP A 219 -13.44 9.98 10.75
CA ASP A 219 -14.05 11.19 10.21
C ASP A 219 -13.07 12.03 9.42
N VAL A 220 -11.79 12.06 9.83
CA VAL A 220 -10.80 12.78 9.01
C VAL A 220 -10.58 12.05 7.70
N TRP A 221 -10.51 10.71 7.73
CA TRP A 221 -10.35 9.95 6.50
C TRP A 221 -11.51 10.21 5.55
N LEU A 222 -12.74 10.22 6.08
CA LEU A 222 -13.90 10.33 5.21
C LEU A 222 -14.06 11.72 4.61
N LYS A 223 -13.40 12.75 5.14
CA LYS A 223 -13.55 14.06 4.52
C LYS A 223 -12.49 14.36 3.47
N GLN A 224 -11.58 13.41 3.20
CA GLN A 224 -10.66 13.53 2.07
C GLN A 224 -11.44 13.15 0.82
N PRO A 225 -11.67 14.08 -0.10
CA PRO A 225 -12.59 13.76 -1.21
C PRO A 225 -12.11 12.61 -2.08
N GLU A 226 -10.79 12.44 -2.29
CA GLU A 226 -10.32 11.36 -3.14
C GLU A 226 -10.57 9.99 -2.51
N ASN A 227 -10.65 9.91 -1.18
CA ASN A 227 -10.98 8.63 -0.56
C ASN A 227 -12.41 8.23 -0.91
N ILE A 228 -13.33 9.19 -0.89
CA ILE A 228 -14.73 8.89 -1.21
C ILE A 228 -14.90 8.53 -2.67
N SER A 229 -14.27 9.30 -3.57
CA SER A 229 -14.49 9.07 -4.99
C SER A 229 -13.92 7.72 -5.42
N LYS A 230 -12.77 7.32 -4.85
CA LYS A 230 -12.17 6.06 -5.25
C LYS A 230 -13.04 4.87 -4.83
N LEU A 231 -13.63 4.93 -3.63
CA LEU A 231 -14.52 3.86 -3.20
C LEU A 231 -15.83 3.89 -3.99
N ALA A 232 -16.37 5.08 -4.26
CA ALA A 232 -17.59 5.16 -5.06
C ALA A 232 -17.39 4.50 -6.42
N ARG A 233 -16.23 4.74 -7.04
CA ARG A 233 -15.99 4.22 -8.37
C ARG A 233 -15.84 2.70 -8.35
N LEU A 234 -15.01 2.17 -7.45
CA LEU A 234 -14.74 0.74 -7.49
C LEU A 234 -15.90 -0.10 -6.97
N SER A 235 -16.69 0.43 -6.04
CA SER A 235 -17.86 -0.26 -5.54
C SER A 235 -19.08 -0.10 -6.44
N GLY A 236 -19.13 0.97 -7.24
CA GLY A 236 -20.30 1.24 -8.04
C GLY A 236 -21.45 1.82 -7.26
N VAL A 237 -21.17 2.70 -6.30
CA VAL A 237 -22.23 3.31 -5.49
C VAL A 237 -22.10 4.82 -5.56
N PRO A 238 -23.18 5.55 -5.29
CA PRO A 238 -23.08 7.01 -5.21
C PRO A 238 -22.15 7.45 -4.07
N GLU A 239 -21.48 8.57 -4.28
CA GLU A 239 -20.58 9.08 -3.25
C GLU A 239 -21.29 9.26 -1.92
N GLY A 240 -22.54 9.70 -1.94
CA GLY A 240 -23.26 9.92 -0.69
C GLY A 240 -23.45 8.68 0.14
N ASP A 241 -23.37 7.49 -0.47
CA ASP A 241 -23.55 6.24 0.25
C ASP A 241 -22.26 5.71 0.87
N VAL A 242 -21.12 6.22 0.46
CA VAL A 242 -19.84 5.63 0.85
C VAL A 242 -19.58 5.72 2.36
N PRO A 243 -19.78 6.88 3.02
CA PRO A 243 -19.51 6.91 4.46
C PRO A 243 -20.29 5.89 5.26
N GLY A 244 -21.59 5.74 4.98
CA GLY A 244 -22.38 4.76 5.71
C GLY A 244 -21.88 3.34 5.49
N LEU A 245 -21.48 3.03 4.26
CA LEU A 245 -20.95 1.70 3.96
C LEU A 245 -19.63 1.46 4.68
N VAL A 246 -18.70 2.40 4.59
CA VAL A 246 -17.39 2.23 5.23
C VAL A 246 -17.56 2.02 6.73
N LYS A 247 -18.45 2.80 7.36
CA LYS A 247 -18.65 2.68 8.80
C LYS A 247 -19.40 1.42 9.21
N GLY A 248 -19.88 0.64 8.23
CA GLY A 248 -20.60 -0.61 8.41
C GLY A 248 -19.75 -1.83 8.62
N ASN A 249 -18.43 -1.67 8.82
CA ASN A 249 -17.52 -2.75 9.21
C ASN A 249 -16.53 -2.17 10.20
N THR A 250 -15.73 -3.05 10.82
CA THR A 250 -14.53 -2.61 11.50
C THR A 250 -13.32 -3.24 10.83
N TYR A 251 -12.17 -2.60 11.01
CA TYR A 251 -10.94 -2.98 10.34
C TYR A 251 -9.83 -3.16 11.37
N LEU A 252 -8.69 -3.69 10.92
CA LEU A 252 -7.68 -4.20 11.84
C LEU A 252 -6.37 -3.43 11.75
N THR A 253 -5.77 -3.12 12.90
CA THR A 253 -4.39 -2.63 12.91
C THR A 253 -3.45 -3.78 12.57
N PRO A 254 -2.17 -3.51 12.33
CA PRO A 254 -1.23 -4.63 12.11
C PRO A 254 -1.15 -5.58 13.29
N GLN A 255 -1.16 -5.06 14.54
CA GLN A 255 -1.20 -5.94 15.71
C GLN A 255 -2.44 -6.82 15.68
N GLN A 256 -3.59 -6.24 15.35
CA GLN A 256 -4.81 -7.01 15.30
C GLN A 256 -4.77 -8.07 14.19
N GLN A 257 -4.17 -7.75 13.04
CA GLN A 257 -4.02 -8.76 11.98
C GLN A 257 -3.25 -9.97 12.51
N THR A 258 -2.08 -9.72 13.11
CA THR A 258 -1.27 -10.83 13.61
C THR A 258 -2.03 -11.63 14.67
N ALA A 259 -2.73 -10.93 15.57
CA ALA A 259 -3.48 -11.60 16.62
C ALA A 259 -4.59 -12.47 16.04
N GLU A 260 -5.37 -11.91 15.11
CA GLU A 260 -6.49 -12.66 14.54
C GLU A 260 -6.01 -13.84 13.72
N LEU A 261 -4.89 -13.70 13.01
CA LEU A 261 -4.42 -14.79 12.17
C LEU A 261 -3.77 -15.92 12.96
N THR A 262 -3.60 -15.73 14.28
CA THR A 262 -2.96 -16.72 15.14
C THR A 262 -3.98 -17.34 16.09
N GLY A 263 -5.07 -17.90 15.55
CA GLY A 263 -6.05 -18.56 16.37
C GLY A 263 -7.49 -18.21 16.03
N PRO A 264 -7.88 -16.95 16.20
CA PRO A 264 -9.30 -16.59 16.02
C PRO A 264 -9.85 -16.88 14.64
N VAL A 265 -9.06 -16.69 13.57
CA VAL A 265 -9.57 -16.98 12.24
C VAL A 265 -9.80 -18.48 12.07
N ASN A 266 -8.85 -19.30 12.53
CA ASN A 266 -9.06 -20.74 12.53
C ASN A 266 -10.37 -21.10 13.24
N LYS A 267 -10.58 -20.59 14.45
CA LYS A 267 -11.81 -20.86 15.17
C LYS A 267 -13.04 -20.40 14.37
N ALA A 268 -12.93 -19.24 13.73
CA ALA A 268 -14.03 -18.76 12.90
C ALA A 268 -14.36 -19.74 11.77
N ILE A 269 -13.33 -20.27 11.11
CA ILE A 269 -13.59 -21.22 10.03
C ILE A 269 -14.23 -22.48 10.58
N ILE A 270 -13.70 -22.99 11.70
CA ILE A 270 -14.25 -24.20 12.30
C ILE A 270 -15.75 -24.04 12.54
N ASP A 271 -16.14 -22.93 13.18
CA ASP A 271 -17.55 -22.70 13.54
C ASP A 271 -18.40 -22.45 12.32
N THR A 272 -17.89 -21.67 11.36
CA THR A 272 -18.63 -21.39 10.14
C THR A 272 -18.91 -22.69 9.37
N ALA A 273 -17.89 -23.53 9.22
CA ALA A 273 -18.07 -24.79 8.52
C ALA A 273 -19.08 -25.68 9.23
N GLN A 274 -19.03 -25.73 10.57
CA GLN A 274 -19.95 -26.56 11.33
C GLN A 274 -21.38 -26.12 11.11
N PHE A 275 -21.64 -24.81 11.18
CA PHE A 275 -23.00 -24.33 10.93
C PHE A 275 -23.44 -24.65 9.51
N LEU A 276 -22.55 -24.46 8.52
CA LEU A 276 -22.90 -24.80 7.14
C LEU A 276 -23.25 -26.27 7.00
N LYS A 277 -22.51 -27.14 7.70
CA LYS A 277 -22.83 -28.57 7.70
C LYS A 277 -24.22 -28.82 8.27
N GLU A 278 -24.52 -28.19 9.40
CA GLU A 278 -25.82 -28.37 10.05
C GLU A 278 -26.95 -27.86 9.17
N GLN A 279 -26.69 -26.85 8.36
CA GLN A 279 -27.69 -26.33 7.43
C GLN A 279 -27.69 -27.08 6.09
N GLY A 280 -26.89 -28.14 5.96
CA GLY A 280 -26.91 -28.96 4.77
C GLY A 280 -26.20 -28.39 3.56
N LYS A 281 -25.25 -27.47 3.74
CA LYS A 281 -24.60 -26.85 2.60
C LYS A 281 -23.22 -27.41 2.31
N VAL A 282 -22.58 -28.06 3.29
CA VAL A 282 -21.32 -28.74 3.07
C VAL A 282 -21.40 -30.16 3.62
N PRO A 283 -20.88 -31.15 2.92
CA PRO A 283 -21.05 -32.54 3.36
C PRO A 283 -20.14 -32.92 4.53
N ALA A 284 -18.88 -32.49 4.47
CA ALA A 284 -17.88 -32.90 5.44
C ALA A 284 -17.10 -31.68 5.92
N VAL A 285 -16.76 -31.65 7.21
CA VAL A 285 -16.00 -30.58 7.80
C VAL A 285 -14.91 -31.16 8.69
N ALA A 286 -13.94 -30.32 9.04
CA ALA A 286 -12.84 -30.68 9.91
C ALA A 286 -12.96 -29.95 11.25
N ASN A 287 -12.20 -30.44 12.24
CA ASN A 287 -12.17 -29.79 13.55
C ASN A 287 -11.01 -28.82 13.68
N ASP A 288 -10.24 -28.61 12.61
CA ASP A 288 -9.13 -27.67 12.62
C ASP A 288 -8.86 -27.23 11.20
N TYR A 289 -8.66 -25.93 11.01
CA TYR A 289 -8.36 -25.37 9.70
C TYR A 289 -7.07 -24.57 9.72
N SER A 290 -6.11 -24.97 10.57
CA SER A 290 -4.87 -24.20 10.65
C SER A 290 -4.09 -24.23 9.33
N GLN A 291 -4.31 -25.24 8.48
CA GLN A 291 -3.67 -25.25 7.16
C GLN A 291 -4.14 -24.10 6.27
N TYR A 292 -5.24 -23.45 6.64
CA TYR A 292 -5.89 -22.46 5.79
C TYR A 292 -5.70 -21.03 6.29
N VAL A 293 -4.79 -20.81 7.25
CA VAL A 293 -4.54 -19.50 7.83
C VAL A 293 -3.05 -19.34 8.07
N THR A 294 -2.52 -18.14 7.83
CA THR A 294 -1.13 -17.88 8.15
C THR A 294 -0.93 -16.41 8.50
N SER A 295 0.02 -16.16 9.41
CA SER A 295 0.46 -14.81 9.74
C SER A 295 1.78 -14.44 9.08
N ARG A 296 2.34 -15.30 8.22
CA ARG A 296 3.71 -15.10 7.80
C ARG A 296 3.88 -13.99 6.76
N PHE A 297 2.78 -13.44 6.23
CA PHE A 297 2.87 -12.37 5.25
C PHE A 297 2.54 -10.99 5.83
N VAL A 298 2.29 -10.88 7.14
CA VAL A 298 1.98 -9.58 7.74
C VAL A 298 3.02 -9.19 8.81
N VAL B 2 18.28 -11.16 -19.82
CA VAL B 2 18.51 -10.50 -18.53
C VAL B 2 17.21 -10.00 -17.90
N ASN B 3 16.97 -10.44 -16.67
CA ASN B 3 15.91 -9.92 -15.82
C ASN B 3 16.55 -9.10 -14.70
N VAL B 4 15.97 -7.95 -14.40
CA VAL B 4 16.49 -7.09 -13.35
C VAL B 4 15.32 -6.40 -12.66
N THR B 5 15.39 -6.30 -11.34
CA THR B 5 14.42 -5.60 -10.51
C THR B 5 15.07 -4.33 -9.96
N VAL B 6 14.44 -3.19 -10.24
CA VAL B 6 14.95 -1.88 -9.86
C VAL B 6 14.05 -1.30 -8.77
N ALA B 7 14.64 -0.92 -7.64
CA ALA B 7 13.90 -0.27 -6.57
C ALA B 7 13.99 1.25 -6.74
N TYR B 8 12.84 1.90 -6.91
CA TYR B 8 12.84 3.35 -7.12
C TYR B 8 12.10 4.05 -5.98
N GLN B 9 12.34 5.35 -5.85
CA GLN B 9 11.68 6.20 -4.86
C GLN B 9 10.93 7.35 -5.55
N THR B 10 10.31 8.21 -4.75
CA THR B 10 9.28 9.11 -5.25
C THR B 10 9.73 10.54 -5.54
N SER B 11 11.04 10.82 -5.56
CA SER B 11 11.53 12.15 -5.96
C SER B 11 11.11 12.48 -7.39
N ALA B 12 10.54 13.67 -7.57
CA ALA B 12 10.22 14.16 -8.91
C ALA B 12 11.48 14.79 -9.52
N GLU B 13 12.13 14.06 -10.43
CA GLU B 13 13.37 14.52 -11.04
C GLU B 13 13.43 13.99 -12.47
N PRO B 14 14.23 14.61 -13.34
CA PRO B 14 14.10 14.37 -14.79
C PRO B 14 14.30 12.93 -15.23
N ALA B 15 15.13 12.15 -14.52
CA ALA B 15 15.36 10.77 -14.94
C ALA B 15 14.08 9.93 -14.92
N LYS B 16 13.03 10.40 -14.24
CA LYS B 16 11.75 9.71 -14.25
C LYS B 16 11.14 9.66 -15.66
N VAL B 17 11.53 10.56 -16.56
CA VAL B 17 11.04 10.43 -17.93
C VAL B 17 11.58 9.15 -18.56
N ALA B 18 12.86 8.85 -18.31
CA ALA B 18 13.43 7.61 -18.85
C ALA B 18 12.81 6.39 -18.21
N GLN B 19 12.46 6.47 -16.92
CA GLN B 19 11.76 5.37 -16.27
C GLN B 19 10.40 5.15 -16.90
N ALA B 20 9.62 6.23 -17.06
CA ALA B 20 8.30 6.15 -17.67
C ALA B 20 8.36 5.58 -19.08
N ASP B 21 9.36 5.99 -19.88
CA ASP B 21 9.50 5.52 -21.25
C ASP B 21 10.12 4.13 -21.35
N ASN B 22 10.57 3.55 -20.22
CA ASN B 22 11.33 2.30 -20.19
C ASN B 22 12.49 2.30 -21.18
N THR B 23 13.22 3.42 -21.21
CA THR B 23 14.34 3.56 -22.13
C THR B 23 15.43 2.54 -21.82
N PHE B 24 15.68 2.30 -20.53
CA PHE B 24 16.71 1.36 -20.11
C PHE B 24 16.43 -0.04 -20.63
N ALA B 25 15.17 -0.49 -20.50
CA ALA B 25 14.82 -1.82 -21.02
C ALA B 25 14.95 -1.87 -22.54
N LYS B 26 14.50 -0.81 -23.22
CA LYS B 26 14.46 -0.82 -24.69
C LYS B 26 15.86 -0.81 -25.28
N GLU B 27 16.78 -0.04 -24.69
CA GLU B 27 18.11 0.04 -25.24
CA GLU B 27 18.12 0.04 -25.25
C GLU B 27 18.96 -1.18 -24.88
N SER B 28 18.73 -1.78 -23.71
CA SER B 28 19.54 -2.90 -23.26
C SER B 28 19.00 -4.26 -23.70
N GLY B 29 17.72 -4.35 -24.04
CA GLY B 29 17.13 -5.65 -24.29
C GLY B 29 16.86 -6.46 -23.05
N ALA B 30 16.93 -5.86 -21.87
CA ALA B 30 16.64 -6.57 -20.63
C ALA B 30 15.16 -6.51 -20.30
N THR B 31 14.72 -7.48 -19.50
CA THR B 31 13.41 -7.42 -18.87
C THR B 31 13.55 -6.70 -17.54
N VAL B 32 12.77 -5.65 -17.33
CA VAL B 32 12.93 -4.79 -16.17
C VAL B 32 11.62 -4.74 -15.38
N ASP B 33 11.70 -5.09 -14.11
CA ASP B 33 10.63 -4.85 -13.16
C ASP B 33 11.02 -3.67 -12.28
N TRP B 34 10.09 -2.74 -12.09
CA TRP B 34 10.28 -1.60 -11.23
C TRP B 34 9.45 -1.79 -9.97
N ARG B 35 10.05 -1.57 -8.80
CA ARG B 35 9.34 -1.63 -7.53
C ARG B 35 9.47 -0.31 -6.81
N LYS B 36 8.33 0.26 -6.42
CA LYS B 36 8.32 1.48 -5.63
C LYS B 36 8.47 1.18 -4.15
N PHE B 37 9.37 1.90 -3.49
CA PHE B 37 9.57 1.76 -2.06
C PHE B 37 9.31 3.09 -1.35
N ASP B 38 8.93 2.96 -0.07
CA ASP B 38 8.56 4.11 0.75
C ASP B 38 9.76 4.91 1.24
N SER B 39 10.92 4.28 1.39
CA SER B 39 12.11 4.94 1.89
C SER B 39 13.33 4.08 1.58
N GLY B 40 14.51 4.64 1.84
CA GLY B 40 15.74 3.94 1.50
C GLY B 40 16.03 2.75 2.39
N ALA B 41 15.65 2.83 3.66
CA ALA B 41 15.88 1.71 4.57
C ALA B 41 15.21 0.44 4.06
N SER B 42 13.99 0.55 3.53
CA SER B 42 13.32 -0.59 2.93
C SER B 42 14.10 -1.13 1.74
N ILE B 43 14.69 -0.24 0.94
CA ILE B 43 15.44 -0.68 -0.23
C ILE B 43 16.73 -1.40 0.20
N VAL B 44 17.36 -0.92 1.28
CA VAL B 44 18.57 -1.59 1.76
C VAL B 44 18.26 -3.03 2.13
N ARG B 45 17.13 -3.27 2.76
CA ARG B 45 16.79 -4.65 3.13
C ARG B 45 16.56 -5.49 1.88
N ALA B 46 15.94 -4.91 0.85
CA ALA B 46 15.68 -5.69 -0.37
C ALA B 46 16.94 -5.91 -1.17
N LEU B 47 17.87 -4.95 -1.14
CA LEU B 47 19.17 -5.18 -1.78
C LEU B 47 19.95 -6.27 -1.04
N ALA B 48 19.91 -6.24 0.29
CA ALA B 48 20.69 -7.20 1.06
C ALA B 48 20.19 -8.62 0.86
N SER B 49 18.88 -8.79 0.68
CA SER B 49 18.31 -10.11 0.48
C SER B 49 18.39 -10.58 -0.96
N GLY B 50 18.80 -9.72 -1.89
CA GLY B 50 18.87 -10.09 -3.28
C GLY B 50 17.58 -9.91 -4.05
N ASP B 51 16.57 -9.30 -3.44
CA ASP B 51 15.28 -9.17 -4.11
C ASP B 51 15.25 -8.04 -5.13
N VAL B 52 16.11 -7.04 -4.99
CA VAL B 52 16.32 -6.06 -6.03
C VAL B 52 17.81 -5.99 -6.29
N GLN B 53 18.17 -5.63 -7.53
CA GLN B 53 19.58 -5.58 -7.91
C GLN B 53 20.12 -4.18 -8.11
N ILE B 54 19.25 -3.21 -8.40
CA ILE B 54 19.60 -1.80 -8.57
C ILE B 54 18.60 -1.01 -7.74
N GLY B 55 19.08 -0.04 -6.96
CA GLY B 55 18.19 0.68 -6.08
C GLY B 55 18.60 2.13 -5.92
N ASN B 56 17.60 2.98 -5.70
CA ASN B 56 17.80 4.40 -5.44
C ASN B 56 17.82 4.63 -3.93
N LEU B 57 18.94 5.14 -3.40
CA LEU B 57 19.11 5.36 -1.97
C LEU B 57 19.53 6.79 -1.69
N GLY B 58 18.99 7.36 -0.60
CA GLY B 58 19.60 8.53 -0.03
C GLY B 58 20.96 8.22 0.55
N SER B 59 21.74 9.30 0.77
CA SER B 59 23.11 9.12 1.24
C SER B 59 23.14 8.60 2.67
N SER B 60 22.10 8.87 3.47
CA SER B 60 22.06 8.33 4.83
C SER B 60 21.78 6.83 4.84
N PRO B 61 20.74 6.30 4.19
CA PRO B 61 20.62 4.83 4.10
C PRO B 61 21.83 4.18 3.44
N LEU B 62 22.44 4.84 2.45
CA LEU B 62 23.66 4.31 1.85
C LEU B 62 24.76 4.13 2.90
N ALA B 63 24.97 5.13 3.76
CA ALA B 63 26.02 5.02 4.77
C ALA B 63 25.72 3.91 5.75
N VAL B 64 24.44 3.73 6.09
CA VAL B 64 24.05 2.63 6.98
C VAL B 64 24.33 1.30 6.30
N ALA B 65 23.93 1.17 5.03
CA ALA B 65 24.15 -0.07 4.28
C ALA B 65 25.63 -0.41 4.18
N ALA B 66 26.47 0.61 3.94
CA ALA B 66 27.91 0.37 3.86
C ALA B 66 28.48 -0.06 5.22
N SER B 67 27.95 0.52 6.29
CA SER B 67 28.35 0.08 7.64
C SER B 67 27.98 -1.37 7.91
N GLN B 68 26.94 -1.87 7.24
CA GLN B 68 26.52 -3.25 7.39
C GLN B 68 27.16 -4.17 6.36
N GLN B 69 28.09 -3.63 5.57
CA GLN B 69 28.83 -4.36 4.55
C GLN B 69 27.91 -5.03 3.53
N VAL B 70 26.81 -4.38 3.21
CA VAL B 70 25.94 -4.85 2.12
C VAL B 70 26.70 -4.76 0.80
N PRO B 71 26.70 -5.81 -0.02
CA PRO B 71 27.58 -5.82 -1.21
C PRO B 71 27.00 -5.01 -2.36
N ILE B 72 27.02 -3.69 -2.21
CA ILE B 72 26.50 -2.76 -3.19
C ILE B 72 27.54 -1.67 -3.45
N GLU B 73 27.40 -1.01 -4.60
CA GLU B 73 28.25 0.11 -4.99
C GLU B 73 27.40 1.21 -5.60
N VAL B 74 27.62 2.45 -5.16
CA VAL B 74 27.15 3.62 -5.89
C VAL B 74 27.79 3.61 -7.27
N PHE B 75 26.97 3.69 -8.32
CA PHE B 75 27.51 3.78 -9.67
C PHE B 75 27.03 5.00 -10.44
N LEU B 76 26.19 5.85 -9.85
CA LEU B 76 25.89 7.16 -10.39
C LEU B 76 25.03 7.89 -9.39
N LEU B 77 25.09 9.21 -9.46
CA LEU B 77 24.31 10.07 -8.58
C LEU B 77 22.96 10.34 -9.22
N ALA B 78 21.91 10.32 -8.41
CA ALA B 78 20.62 10.77 -8.93
C ALA B 78 20.50 12.29 -8.83
N SER B 79 20.79 12.85 -7.66
CA SER B 79 20.73 14.30 -7.52
C SER B 79 21.51 14.73 -6.29
N LYS B 80 21.88 16.00 -6.26
CA LYS B 80 22.34 16.65 -5.05
C LYS B 80 21.12 17.34 -4.44
N LEU B 81 20.74 16.93 -3.24
CA LEU B 81 19.44 17.32 -2.71
C LEU B 81 19.43 18.77 -2.24
N GLY B 82 18.42 19.53 -2.66
CA GLY B 82 18.17 20.85 -2.13
C GLY B 82 16.82 20.95 -1.45
N ASN B 83 16.06 22.01 -1.73
CA ASN B 83 14.82 22.23 -0.98
C ASN B 83 13.67 21.34 -1.44
N SER B 84 13.93 20.36 -2.33
CA SER B 84 12.98 19.29 -2.57
C SER B 84 12.74 18.44 -1.32
N GLU B 85 13.63 18.51 -0.34
CA GLU B 85 13.42 17.88 0.97
C GLU B 85 13.39 19.00 2.00
N ALA B 86 12.38 18.97 2.87
CA ALA B 86 12.18 20.11 3.77
C ALA B 86 11.47 19.70 5.05
N LEU B 87 11.71 20.49 6.10
CA LEU B 87 11.01 20.37 7.36
C LEU B 87 9.78 21.28 7.31
N VAL B 88 8.60 20.68 7.20
CA VAL B 88 7.34 21.41 7.12
C VAL B 88 6.63 21.27 8.46
N VAL B 89 6.18 22.40 9.02
CA VAL B 89 5.65 22.42 10.38
C VAL B 89 4.34 23.18 10.40
N LYS B 90 3.56 22.95 11.45
CA LYS B 90 2.37 23.75 11.69
C LYS B 90 2.74 25.23 11.77
N LYS B 91 1.82 26.09 11.30
CA LYS B 91 2.14 27.50 11.19
C LYS B 91 2.34 28.17 12.54
N THR B 92 1.92 27.53 13.65
CA THR B 92 2.21 28.05 14.98
C THR B 92 3.66 27.85 15.41
N ILE B 93 4.47 27.17 14.60
CA ILE B 93 5.89 26.94 14.87
C ILE B 93 6.68 27.86 13.95
N SER B 94 7.30 28.89 14.53
CA SER B 94 7.95 29.92 13.72
C SER B 94 9.44 30.07 13.95
N LYS B 95 9.97 29.61 15.08
CA LYS B 95 11.40 29.63 15.35
C LYS B 95 11.82 28.25 15.81
N PRO B 96 13.10 27.91 15.64
CA PRO B 96 13.57 26.57 16.05
C PRO B 96 13.24 26.18 17.49
N GLU B 97 13.27 27.13 18.43
CA GLU B 97 12.95 26.78 19.82
C GLU B 97 11.49 26.34 19.97
N ASP B 98 10.62 26.73 19.04
CA ASP B 98 9.24 26.25 19.06
C ASP B 98 9.13 24.75 18.83
N LEU B 99 10.18 24.11 18.35
CA LEU B 99 10.18 22.66 18.15
C LEU B 99 10.27 21.87 19.45
N ILE B 100 10.75 22.48 20.53
CA ILE B 100 10.95 21.73 21.76
C ILE B 100 9.61 21.22 22.27
N GLY B 101 9.54 19.91 22.52
CA GLY B 101 8.32 19.28 22.97
C GLY B 101 7.31 18.97 21.88
N LYS B 102 7.60 19.30 20.62
CA LYS B 102 6.68 19.00 19.52
C LYS B 102 6.93 17.59 18.98
N ARG B 103 5.96 17.08 18.24
CA ARG B 103 6.06 15.75 17.64
C ARG B 103 6.40 15.93 16.16
N ILE B 104 7.60 15.52 15.78
CA ILE B 104 8.11 15.70 14.41
C ILE B 104 8.45 14.34 13.83
N ALA B 105 7.89 14.04 12.66
CA ALA B 105 8.05 12.72 12.04
C ALA B 105 9.14 12.75 10.99
N VAL B 106 9.95 11.69 10.94
CA VAL B 106 10.85 11.43 9.82
C VAL B 106 10.88 9.94 9.55
N PRO B 107 11.06 9.55 8.28
CA PRO B 107 11.27 8.12 8.02
C PRO B 107 12.65 7.70 8.50
N PHE B 108 12.70 6.55 9.20
CA PHE B 108 13.91 6.06 9.85
C PHE B 108 15.09 6.05 8.89
N ILE B 109 16.19 6.68 9.34
CA ILE B 109 17.50 6.84 8.70
C ILE B 109 17.47 7.36 7.27
N SER B 110 16.36 7.95 6.85
CA SER B 110 16.32 8.68 5.59
C SER B 110 17.25 9.89 5.62
N THR B 111 17.53 10.45 4.43
CA THR B 111 18.24 11.73 4.37
C THR B 111 17.56 12.81 5.20
N THR B 112 16.23 12.76 5.31
CA THR B 112 15.53 13.77 6.10
C THR B 112 15.60 13.51 7.61
N HIS B 113 15.79 12.26 8.01
CA HIS B 113 16.14 11.97 9.40
C HIS B 113 17.50 12.55 9.72
N TYR B 114 18.49 12.25 8.88
CA TYR B 114 19.83 12.82 8.97
C TYR B 114 19.78 14.34 9.00
N SER B 115 19.06 14.95 8.07
CA SER B 115 19.04 16.41 7.98
C SER B 115 18.32 17.04 9.16
N LEU B 116 17.29 16.38 9.68
CA LEU B 116 16.63 16.92 10.87
C LEU B 116 17.59 16.97 12.05
N LEU B 117 18.34 15.89 12.25
CA LEU B 117 19.33 15.84 13.34
C LEU B 117 20.40 16.91 13.16
N ALA B 118 20.80 17.16 11.91
CA ALA B 118 21.80 18.19 11.66
C ALA B 118 21.25 19.58 11.89
N ALA B 119 19.98 19.81 11.50
CA ALA B 119 19.36 21.12 11.75
C ALA B 119 19.23 21.38 13.24
N LEU B 120 18.79 20.38 14.00
CA LEU B 120 18.69 20.55 15.44
C LEU B 120 20.04 20.89 16.06
N LYS B 121 21.11 20.19 15.64
CA LYS B 121 22.44 20.49 16.16
C LYS B 121 22.87 21.90 15.80
N HIS B 122 22.60 22.33 14.56
CA HIS B 122 22.92 23.69 14.16
C HIS B 122 22.22 24.70 15.06
N TRP B 123 20.96 24.43 15.41
CA TRP B 123 20.16 25.31 16.23
C TRP B 123 20.44 25.16 17.73
N GLY B 124 21.30 24.23 18.13
CA GLY B 124 21.58 24.04 19.54
C GLY B 124 20.49 23.33 20.31
N ILE B 125 19.64 22.57 19.63
CA ILE B 125 18.56 21.80 20.23
C ILE B 125 18.97 20.34 20.28
N LYS B 126 18.84 19.73 21.45
CA LYS B 126 19.21 18.32 21.56
C LYS B 126 18.09 17.44 21.02
N PRO B 127 18.42 16.35 20.32
CA PRO B 127 17.38 15.50 19.73
C PRO B 127 16.29 15.08 20.71
N GLY B 128 16.66 14.76 21.96
CA GLY B 128 15.70 14.30 22.93
C GLY B 128 14.75 15.37 23.42
N GLN B 129 14.98 16.63 23.05
CA GLN B 129 14.06 17.70 23.38
C GLN B 129 12.85 17.74 22.45
N VAL B 130 12.93 17.01 21.33
CA VAL B 130 11.85 16.92 20.35
C VAL B 130 11.32 15.49 20.38
N GLU B 131 10.00 15.34 20.27
CA GLU B 131 9.43 14.00 20.18
C GLU B 131 9.57 13.56 18.71
N ILE B 132 10.72 12.99 18.39
CA ILE B 132 10.97 12.52 17.02
C ILE B 132 10.38 11.14 16.87
N VAL B 133 9.44 10.98 15.94
CA VAL B 133 8.79 9.70 15.71
C VAL B 133 9.16 9.23 14.31
N ASN B 134 9.37 7.92 14.17
CA ASN B 134 9.70 7.34 12.87
C ASN B 134 8.41 6.84 12.22
N LEU B 135 8.02 7.48 11.12
CA LEU B 135 6.87 7.07 10.32
C LEU B 135 7.28 7.08 8.85
N GLN B 136 6.73 6.15 8.08
CA GLN B 136 6.95 6.17 6.64
C GLN B 136 6.09 7.26 6.01
N PRO B 137 6.41 7.71 4.80
CA PRO B 137 5.74 8.92 4.23
C PRO B 137 4.22 8.80 4.15
N PRO B 138 3.65 7.67 3.72
CA PRO B 138 2.18 7.60 3.74
C PRO B 138 1.59 7.85 5.12
N ALA B 139 2.18 7.26 6.16
CA ALA B 139 1.69 7.47 7.51
C ALA B 139 1.92 8.90 7.99
N ILE B 140 2.95 9.57 7.47
CA ILE B 140 3.21 10.96 7.82
C ILE B 140 2.10 11.87 7.29
N ILE B 141 1.73 11.68 6.02
CA ILE B 141 0.66 12.47 5.43
C ILE B 141 -0.62 12.29 6.24
N ALA B 142 -0.95 11.05 6.58
CA ALA B 142 -2.18 10.79 7.33
C ALA B 142 -2.12 11.40 8.73
N ALA B 143 -0.99 11.24 9.43
CA ALA B 143 -0.85 11.81 10.76
C ALA B 143 -0.94 13.34 10.72
N TRP B 144 -0.40 13.94 9.65
CA TRP B 144 -0.51 15.38 9.48
C TRP B 144 -1.95 15.81 9.28
N GLN B 145 -2.70 15.07 8.46
CA GLN B 145 -4.10 15.43 8.21
C GLN B 145 -4.94 15.30 9.47
N ARG B 146 -4.55 14.42 10.40
CA ARG B 146 -5.22 14.25 11.68
C ARG B 146 -4.83 15.29 12.72
N GLY B 147 -3.73 16.00 12.49
CA GLY B 147 -3.16 16.83 13.54
C GLY B 147 -2.44 16.07 14.62
N ASP B 148 -2.04 14.82 14.36
CA ASP B 148 -1.33 14.02 15.36
C ASP B 148 0.18 14.21 15.32
N ILE B 149 0.72 14.91 14.32
CA ILE B 149 2.11 15.35 14.36
C ILE B 149 2.11 16.85 14.14
N ASP B 150 3.19 17.49 14.59
CA ASP B 150 3.36 18.92 14.45
C ASP B 150 4.20 19.31 13.24
N GLY B 151 4.73 18.34 12.53
CA GLY B 151 5.61 18.61 11.43
C GLY B 151 6.37 17.37 11.04
N ALA B 152 7.09 17.48 9.93
CA ALA B 152 7.85 16.35 9.44
C ALA B 152 8.92 16.87 8.49
N TYR B 153 10.02 16.13 8.40
CA TYR B 153 11.08 16.41 7.42
C TYR B 153 10.96 15.33 6.36
N VAL B 154 10.60 15.73 5.13
CA VAL B 154 10.05 14.80 4.15
C VAL B 154 10.46 15.22 2.75
N TRP B 155 10.25 14.31 1.80
CA TRP B 155 10.39 14.56 0.37
C TRP B 155 9.03 14.26 -0.30
N ALA B 156 8.96 14.41 -1.63
CA ALA B 156 7.69 14.24 -2.31
C ALA B 156 7.24 12.79 -2.25
N PRO B 157 5.91 12.53 -2.19
CA PRO B 157 4.79 13.46 -2.24
C PRO B 157 4.41 14.07 -0.89
N ALA B 158 5.12 13.70 0.17
CA ALA B 158 4.75 14.20 1.50
C ALA B 158 5.09 15.68 1.64
N VAL B 159 6.25 16.11 1.14
CA VAL B 159 6.72 17.48 1.42
C VAL B 159 5.75 18.50 0.82
N ASN B 160 5.32 18.26 -0.42
CA ASN B 160 4.46 19.23 -1.06
C ASN B 160 3.03 19.12 -0.54
N ALA B 161 2.63 17.94 -0.10
CA ALA B 161 1.30 17.79 0.51
C ALA B 161 1.22 18.53 1.84
N LEU B 162 2.25 18.40 2.68
CA LEU B 162 2.26 19.11 3.96
C LEU B 162 2.37 20.62 3.76
N GLU B 163 3.13 21.06 2.74
CA GLU B 163 3.36 22.48 2.56
C GLU B 163 2.07 23.25 2.28
N LYS B 164 1.06 22.60 1.71
CA LYS B 164 -0.17 23.30 1.38
C LYS B 164 -0.81 23.94 2.61
N ASP B 165 -0.58 23.36 3.79
CA ASP B 165 -1.19 23.85 5.02
C ASP B 165 -0.19 24.18 6.12
N GLY B 166 1.09 23.97 5.89
CA GLY B 166 2.09 24.27 6.89
C GLY B 166 3.06 25.31 6.41
N LYS B 167 4.22 25.40 7.05
CA LYS B 167 5.25 26.32 6.62
C LYS B 167 6.60 25.60 6.66
N VAL B 168 7.49 26.02 5.76
CA VAL B 168 8.82 25.44 5.68
C VAL B 168 9.72 26.14 6.68
N LEU B 169 10.23 25.37 7.66
CA LEU B 169 11.11 25.93 8.67
C LEU B 169 12.59 25.83 8.29
N THR B 170 12.98 24.72 7.64
CA THR B 170 14.26 24.65 6.98
C THR B 170 14.14 23.64 5.85
N ASP B 171 15.21 23.52 5.06
CA ASP B 171 15.20 22.56 3.95
C ASP B 171 16.63 22.11 3.71
N SER B 172 16.79 21.14 2.82
CA SER B 172 18.10 20.53 2.71
C SER B 172 19.08 21.32 1.85
N GLU B 173 18.60 22.31 1.09
CA GLU B 173 19.55 23.27 0.55
C GLU B 173 20.22 24.04 1.68
N GLN B 174 19.42 24.51 2.65
CA GLN B 174 19.96 25.25 3.77
C GLN B 174 20.81 24.35 4.67
N VAL B 175 20.32 23.17 5.00
CA VAL B 175 21.08 22.25 5.86
C VAL B 175 22.39 21.87 5.18
N GLY B 176 22.37 21.74 3.85
CA GLY B 176 23.61 21.52 3.14
C GLY B 176 24.60 22.66 3.32
N GLN B 177 24.11 23.91 3.25
CA GLN B 177 24.97 25.07 3.44
C GLN B 177 25.52 25.14 4.85
N TRP B 178 24.81 24.57 5.82
CA TRP B 178 25.27 24.49 7.21
C TRP B 178 26.29 23.38 7.43
N GLY B 179 26.62 22.61 6.40
CA GLY B 179 27.65 21.60 6.50
C GLY B 179 27.17 20.16 6.52
N ALA B 180 25.89 19.91 6.24
CA ALA B 180 25.36 18.54 6.23
C ALA B 180 24.61 18.27 4.92
N PRO B 181 25.30 18.31 3.78
CA PRO B 181 24.63 18.04 2.52
C PRO B 181 24.25 16.58 2.38
N THR B 182 23.21 16.33 1.58
CA THR B 182 22.71 14.99 1.32
C THR B 182 22.56 14.81 -0.19
N LEU B 183 22.55 13.55 -0.63
CA LEU B 183 22.44 13.17 -2.03
C LEU B 183 21.51 11.98 -2.18
N ASP B 184 20.96 11.83 -3.40
CA ASP B 184 20.33 10.58 -3.82
C ASP B 184 21.24 9.89 -4.82
N VAL B 185 21.42 8.58 -4.66
CA VAL B 185 22.33 7.82 -5.52
C VAL B 185 21.64 6.57 -6.03
N TRP B 186 22.23 5.97 -7.05
CA TRP B 186 21.83 4.65 -7.53
C TRP B 186 22.94 3.67 -7.18
N VAL B 187 22.57 2.50 -6.65
CA VAL B 187 23.52 1.48 -6.25
C VAL B 187 23.18 0.17 -6.95
N VAL B 188 24.18 -0.71 -7.06
CA VAL B 188 24.01 -2.00 -7.74
C VAL B 188 24.69 -3.10 -6.92
N ARG B 189 24.03 -4.25 -6.84
CA ARG B 189 24.60 -5.42 -6.17
C ARG B 189 25.80 -5.96 -6.94
N LYS B 190 26.80 -6.44 -6.21
CA LYS B 190 28.00 -6.97 -6.84
C LYS B 190 27.69 -8.12 -7.79
N ASP B 191 26.87 -9.08 -7.36
CA ASP B 191 26.66 -10.24 -8.24
C ASP B 191 25.97 -9.85 -9.54
N PHE B 192 25.07 -8.85 -9.51
CA PHE B 192 24.47 -8.42 -10.77
C PHE B 192 25.49 -7.67 -11.64
N ALA B 193 26.31 -6.82 -11.01
CA ALA B 193 27.34 -6.09 -11.75
C ALA B 193 28.36 -7.04 -12.37
N GLU B 194 28.66 -8.15 -11.69
CA GLU B 194 29.58 -9.13 -12.24
C GLU B 194 29.00 -9.82 -13.46
N LYS B 195 27.70 -10.14 -13.43
CA LYS B 195 27.09 -10.95 -14.48
C LYS B 195 26.69 -10.12 -15.69
N HIS B 196 26.18 -8.90 -15.46
CA HIS B 196 25.61 -8.07 -16.52
C HIS B 196 26.15 -6.65 -16.49
N PRO B 197 27.48 -6.48 -16.59
CA PRO B 197 28.02 -5.10 -16.54
C PRO B 197 27.46 -4.20 -17.63
N GLU B 198 27.16 -4.75 -18.80
CA GLU B 198 26.62 -3.93 -19.88
C GLU B 198 25.22 -3.41 -19.55
N VAL B 199 24.44 -4.16 -18.80
CA VAL B 199 23.11 -3.71 -18.40
C VAL B 199 23.23 -2.57 -17.38
N VAL B 200 24.21 -2.67 -16.47
CA VAL B 200 24.42 -1.58 -15.51
C VAL B 200 24.82 -0.30 -16.24
N LYS B 201 25.71 -0.42 -17.23
CA LYS B 201 26.08 0.77 -18.01
C LYS B 201 24.88 1.36 -18.72
N ALA B 202 24.02 0.50 -19.28
CA ALA B 202 22.82 0.98 -19.97
C ALA B 202 21.89 1.71 -19.02
N PHE B 203 21.76 1.24 -17.78
CA PHE B 203 20.94 1.96 -16.80
C PHE B 203 21.51 3.34 -16.55
N ALA B 204 22.82 3.42 -16.29
CA ALA B 204 23.45 4.72 -16.05
C ALA B 204 23.26 5.64 -17.24
N LYS B 205 23.46 5.13 -18.45
CA LYS B 205 23.34 5.95 -19.66
C LYS B 205 21.94 6.52 -19.78
N SER B 206 20.91 5.71 -19.52
CA SER B 206 19.54 6.19 -19.69
C SER B 206 19.20 7.26 -18.67
N ALA B 207 19.68 7.11 -17.43
CA ALA B 207 19.42 8.13 -16.41
C ALA B 207 20.14 9.43 -16.73
N ILE B 208 21.43 9.34 -17.09
CA ILE B 208 22.23 10.54 -17.35
C ILE B 208 21.70 11.25 -18.57
N ASP B 209 21.41 10.51 -19.65
CA ASP B 209 20.86 11.09 -20.87
C ASP B 209 19.57 11.83 -20.59
N ALA B 210 18.69 11.27 -19.76
CA ALA B 210 17.41 11.91 -19.52
C ALA B 210 17.54 13.21 -18.72
N GLN B 211 18.60 13.38 -17.93
CA GLN B 211 18.75 14.62 -17.17
C GLN B 211 19.38 15.75 -17.98
N GLN B 212 20.15 15.44 -19.02
CA GLN B 212 20.85 16.51 -19.74
C GLN B 212 19.93 17.51 -20.41
N PRO B 213 18.85 17.14 -21.10
CA PRO B 213 17.97 18.17 -21.68
C PRO B 213 17.35 19.08 -20.64
N TYR B 214 17.13 18.61 -19.41
CA TYR B 214 16.71 19.52 -18.35
C TYR B 214 17.82 20.48 -17.98
N ILE B 215 19.02 19.95 -17.72
CA ILE B 215 20.14 20.81 -17.34
C ILE B 215 20.35 21.89 -18.42
N ALA B 216 20.18 21.51 -19.69
CA ALA B 216 20.45 22.42 -20.80
C ALA B 216 19.46 23.58 -20.87
N ASN B 217 18.17 23.32 -20.62
CA ASN B 217 17.17 24.38 -20.57
C ASN B 217 16.04 23.96 -19.64
N PRO B 218 16.16 24.26 -18.34
CA PRO B 218 15.17 23.77 -17.37
C PRO B 218 13.78 24.33 -17.57
N ASP B 219 13.66 25.62 -17.89
CA ASP B 219 12.35 26.24 -18.04
C ASP B 219 11.58 25.65 -19.22
N VAL B 220 12.26 25.49 -20.37
CA VAL B 220 11.60 24.85 -21.51
C VAL B 220 11.23 23.41 -21.18
N TRP B 221 12.15 22.68 -20.53
CA TRP B 221 11.89 21.29 -20.17
C TRP B 221 10.63 21.17 -19.34
N LEU B 222 10.49 22.05 -18.35
CA LEU B 222 9.38 22.01 -17.40
C LEU B 222 8.08 22.51 -18.01
N LYS B 223 8.11 23.05 -19.23
CA LYS B 223 6.89 23.45 -19.91
C LYS B 223 6.42 22.41 -20.91
N GLN B 224 7.10 21.26 -21.00
CA GLN B 224 6.67 20.18 -21.89
C GLN B 224 5.67 19.31 -21.15
N PRO B 225 4.40 19.25 -21.58
CA PRO B 225 3.38 18.52 -20.81
C PRO B 225 3.71 17.07 -20.52
N GLU B 226 4.39 16.39 -21.45
CA GLU B 226 4.69 14.99 -21.24
C GLU B 226 5.76 14.78 -20.18
N ASN B 227 6.73 15.70 -20.06
CA ASN B 227 7.70 15.60 -18.97
C ASN B 227 7.01 15.74 -17.62
N ILE B 228 6.13 16.74 -17.50
CA ILE B 228 5.42 16.98 -16.25
C ILE B 228 4.53 15.79 -15.89
N SER B 229 3.81 15.26 -16.88
CA SER B 229 2.87 14.16 -16.60
C SER B 229 3.59 12.91 -16.14
N LYS B 230 4.75 12.60 -16.75
CA LYS B 230 5.47 11.40 -16.36
C LYS B 230 6.01 11.53 -14.94
N LEU B 231 6.53 12.70 -14.59
CA LEU B 231 7.03 12.90 -13.22
C LEU B 231 5.88 12.88 -12.22
N ALA B 232 4.77 13.55 -12.55
CA ALA B 232 3.62 13.55 -11.64
C ALA B 232 3.14 12.15 -11.36
N ARG B 233 3.08 11.30 -12.39
CA ARG B 233 2.59 9.95 -12.22
C ARG B 233 3.50 9.13 -11.32
N LEU B 234 4.80 9.15 -11.58
CA LEU B 234 5.70 8.26 -10.86
C LEU B 234 6.00 8.76 -9.45
N SER B 235 5.95 10.07 -9.22
CA SER B 235 6.13 10.62 -7.87
CA SER B 235 6.14 10.61 -7.87
C SER B 235 4.84 10.65 -7.07
N GLY B 236 3.70 10.73 -7.75
CA GLY B 236 2.42 10.81 -7.07
C GLY B 236 2.08 12.20 -6.59
N VAL B 237 2.42 13.22 -7.37
CA VAL B 237 2.20 14.61 -6.94
C VAL B 237 1.32 15.28 -7.99
N PRO B 238 0.63 16.36 -7.62
CA PRO B 238 -0.10 17.13 -8.63
C PRO B 238 0.85 17.71 -9.66
N GLU B 239 0.39 17.75 -10.92
CA GLU B 239 1.25 18.26 -11.99
C GLU B 239 1.75 19.67 -11.70
N GLY B 240 0.95 20.50 -11.04
CA GLY B 240 1.37 21.86 -10.76
C GLY B 240 2.50 21.98 -9.76
N ASP B 241 2.71 20.93 -8.94
CA ASP B 241 3.81 20.91 -7.98
C ASP B 241 5.14 20.45 -8.59
N VAL B 242 5.11 19.83 -9.77
CA VAL B 242 6.32 19.24 -10.32
C VAL B 242 7.43 20.27 -10.55
N PRO B 243 7.18 21.44 -11.18
CA PRO B 243 8.30 22.37 -11.43
C PRO B 243 9.06 22.76 -10.18
N GLY B 244 8.34 23.17 -9.12
CA GLY B 244 9.03 23.56 -7.90
C GLY B 244 9.85 22.44 -7.31
N LEU B 245 9.35 21.20 -7.39
CA LEU B 245 10.08 20.07 -6.85
C LEU B 245 11.33 19.77 -7.66
N VAL B 246 11.21 19.77 -8.99
CA VAL B 246 12.35 19.46 -9.84
C VAL B 246 13.46 20.47 -9.63
N LYS B 247 13.10 21.75 -9.51
CA LYS B 247 14.09 22.80 -9.29
C LYS B 247 14.70 22.74 -7.90
N GLY B 248 14.20 21.88 -7.03
CA GLY B 248 14.72 21.73 -5.69
C GLY B 248 15.90 20.80 -5.53
N ASN B 249 16.54 20.39 -6.63
CA ASN B 249 17.80 19.65 -6.56
C ASN B 249 18.72 20.14 -7.68
N THR B 250 19.96 19.70 -7.61
CA THR B 250 20.93 19.87 -8.68
C THR B 250 21.24 18.53 -9.34
N TYR B 251 21.31 18.53 -10.67
CA TYR B 251 21.61 17.35 -11.45
C TYR B 251 22.92 17.56 -12.20
N LEU B 252 23.59 16.45 -12.51
CA LEU B 252 24.97 16.45 -12.97
C LEU B 252 25.09 16.20 -14.48
N THR B 253 26.12 16.81 -15.06
CA THR B 253 26.58 16.47 -16.40
C THR B 253 27.35 15.14 -16.36
N PRO B 254 27.55 14.50 -17.53
CA PRO B 254 28.34 13.26 -17.53
C PRO B 254 29.72 13.41 -16.90
N GLN B 255 30.37 14.55 -17.14
CA GLN B 255 31.70 14.76 -16.60
C GLN B 255 31.64 14.93 -15.08
N GLN B 256 30.60 15.57 -14.58
CA GLN B 256 30.42 15.74 -13.15
C GLN B 256 30.17 14.40 -12.47
N GLN B 257 29.44 13.50 -13.14
CA GLN B 257 29.22 12.17 -12.58
C GLN B 257 30.56 11.48 -12.34
N THR B 258 31.41 11.44 -13.36
CA THR B 258 32.71 10.80 -13.23
C THR B 258 33.55 11.46 -12.15
N ALA B 259 33.49 12.79 -12.06
CA ALA B 259 34.25 13.52 -11.04
C ALA B 259 33.79 13.17 -9.64
N GLU B 260 32.47 13.19 -9.41
CA GLU B 260 31.95 12.92 -8.06
C GLU B 260 32.21 11.47 -7.64
N LEU B 261 32.15 10.53 -8.57
CA LEU B 261 32.34 9.13 -8.25
C LEU B 261 33.80 8.78 -7.99
N THR B 262 34.72 9.71 -8.26
CA THR B 262 36.15 9.52 -8.07
CA THR B 262 36.15 9.49 -8.05
C THR B 262 36.65 10.38 -6.91
N GLY B 263 36.16 10.11 -5.71
CA GLY B 263 36.65 10.81 -4.54
C GLY B 263 35.58 11.42 -3.67
N PRO B 264 34.82 12.38 -4.22
CA PRO B 264 33.84 13.09 -3.39
C PRO B 264 32.77 12.22 -2.76
N VAL B 265 32.24 11.22 -3.48
CA VAL B 265 31.22 10.37 -2.87
C VAL B 265 31.81 9.60 -1.69
N ASN B 266 33.03 9.07 -1.84
CA ASN B 266 33.71 8.40 -0.73
C ASN B 266 33.74 9.31 0.50
N LYS B 267 34.17 10.56 0.33
CA LYS B 267 34.24 11.49 1.45
C LYS B 267 32.87 11.76 2.04
N ALA B 268 31.85 11.87 1.19
CA ALA B 268 30.50 12.11 1.69
C ALA B 268 29.99 10.94 2.53
N ILE B 269 30.33 9.71 2.13
CA ILE B 269 29.92 8.56 2.94
C ILE B 269 30.63 8.59 4.30
N ILE B 270 31.93 8.89 4.30
CA ILE B 270 32.65 8.98 5.59
C ILE B 270 31.98 9.99 6.50
N ASP B 271 31.72 11.19 5.97
CA ASP B 271 31.16 12.26 6.78
C ASP B 271 29.74 11.93 7.24
N THR B 272 28.94 11.31 6.37
CA THR B 272 27.60 10.92 6.74
C THR B 272 27.61 9.83 7.81
N ALA B 273 28.46 8.82 7.62
CA ALA B 273 28.53 7.73 8.59
C ALA B 273 29.00 8.24 9.95
N GLN B 274 29.98 9.15 9.97
CA GLN B 274 30.48 9.70 11.21
C GLN B 274 29.39 10.44 11.98
N PHE B 275 28.59 11.26 11.30
CA PHE B 275 27.51 11.95 12.00
C PHE B 275 26.46 10.96 12.49
N LEU B 276 26.13 9.95 11.67
CA LEU B 276 25.22 8.92 12.14
C LEU B 276 25.75 8.22 13.39
N LYS B 277 27.06 7.97 13.44
CA LYS B 277 27.63 7.28 14.59
C LYS B 277 27.47 8.13 15.85
N GLU B 278 27.77 9.42 15.76
CA GLU B 278 27.58 10.32 16.89
C GLU B 278 26.13 10.33 17.35
N GLN B 279 25.18 10.23 16.41
CA GLN B 279 23.77 10.21 16.74
C GLN B 279 23.27 8.82 17.12
N GLY B 280 24.17 7.83 17.21
CA GLY B 280 23.82 6.51 17.68
C GLY B 280 23.11 5.63 16.67
N LYS B 281 23.35 5.86 15.37
CA LYS B 281 22.65 5.11 14.34
C LYS B 281 23.51 4.09 13.63
N VAL B 282 24.84 4.17 13.74
CA VAL B 282 25.72 3.11 13.26
C VAL B 282 26.78 2.82 14.32
N PRO B 283 27.28 1.57 14.39
CA PRO B 283 28.30 1.22 15.38
C PRO B 283 29.72 1.68 15.06
N ALA B 284 30.05 1.90 13.78
CA ALA B 284 31.43 2.23 13.45
C ALA B 284 31.51 2.93 12.10
N VAL B 285 32.61 3.65 11.91
CA VAL B 285 32.91 4.36 10.67
C VAL B 285 34.22 3.81 10.11
N ALA B 286 34.22 3.45 8.84
CA ALA B 286 35.40 2.89 8.20
C ALA B 286 36.39 3.99 7.86
N ASN B 287 37.65 3.59 7.67
CA ASN B 287 38.65 4.53 7.19
C ASN B 287 38.30 5.06 5.80
N ASP B 288 37.53 4.29 5.05
CA ASP B 288 37.41 4.51 3.62
C ASP B 288 36.24 3.69 3.12
N TYR B 289 35.48 4.24 2.18
CA TYR B 289 34.32 3.55 1.63
C TYR B 289 34.46 3.32 0.13
N SER B 290 35.71 3.16 -0.31
CA SER B 290 35.97 3.00 -1.74
C SER B 290 35.32 1.72 -2.28
N GLN B 291 35.12 0.71 -1.42
CA GLN B 291 34.43 -0.51 -1.83
C GLN B 291 32.97 -0.27 -2.19
N TYR B 292 32.42 0.90 -1.87
CA TYR B 292 31.01 1.18 -2.03
C TYR B 292 30.74 2.21 -3.11
N VAL B 293 31.74 2.52 -3.93
CA VAL B 293 31.63 3.53 -4.99
C VAL B 293 32.44 3.08 -6.20
N THR B 294 31.92 3.37 -7.39
CA THR B 294 32.68 3.10 -8.61
C THR B 294 32.29 4.10 -9.69
N SER B 295 33.26 4.43 -10.55
CA SER B 295 33.02 5.20 -11.76
C SER B 295 32.98 4.34 -13.01
N ARG B 296 33.08 3.01 -12.88
CA ARG B 296 33.33 2.17 -14.03
C ARG B 296 32.11 1.96 -14.91
N PHE B 297 30.93 2.40 -14.48
CA PHE B 297 29.73 2.24 -15.29
C PHE B 297 29.28 3.54 -15.95
N VAL B 298 30.02 4.63 -15.73
CA VAL B 298 29.77 5.89 -16.40
C VAL B 298 31.00 6.25 -17.23
NAA P7I C . -18.99 -11.10 1.82
OAB P7I C . -19.76 -14.31 -1.36
OAC P7I C . -17.42 -13.79 -0.56
OAD P7I C . -19.32 -13.93 1.10
CAE P7I C . -18.52 -10.90 0.45
CAF P7I C . -19.24 -11.80 -0.54
PAG P7I C . -18.91 -13.57 -0.32
I IOD D . -11.58 8.23 -8.55
I IOD E . -1.70 5.91 9.66
I IOD F . -25.91 -17.84 -7.07
I IOD G . -12.34 0.59 12.84
C1 GOL H . -0.48 -24.11 3.51
O1 GOL H . -0.30 -24.90 2.42
C2 GOL H . 0.74 -24.44 4.30
O2 GOL H . 1.24 -23.35 5.00
C3 GOL H . 0.23 -25.60 5.16
O3 GOL H . -0.45 -25.09 6.24
NAA P7I I . 16.32 10.73 -0.01
OAB P7I I . 16.62 6.88 0.71
OAC P7I I . 15.20 7.19 2.78
OAD P7I I . 17.01 8.85 2.23
CAE P7I I . 15.37 9.70 -0.43
CAF P7I I . 14.80 8.86 0.71
PAG P7I I . 15.99 7.89 1.68
I IOD J . -6.28 10.80 6.40
I IOD K . 31.26 8.95 18.35
I IOD L . 1.66 9.57 15.36
I IOD M . 20.73 21.62 -12.50
I IOD N . 10.04 4.75 9.68
I IOD O . 30.12 -3.62 -20.90
I IOD P . 14.96 29.97 18.33
I IOD Q . 16.75 10.29 16.21
C1 GOL R . 7.98 21.99 -0.80
O1 GOL R . 7.25 23.14 -1.07
C2 GOL R . 9.39 22.27 -1.32
O2 GOL R . 9.37 22.41 -2.69
C3 GOL R . 9.79 23.60 -0.63
O3 GOL R . 10.93 23.37 0.12
C1 GOL S . 7.26 2.37 -16.74
O1 GOL S . 6.41 3.20 -17.52
C2 GOL S . 7.03 2.80 -15.28
O2 GOL S . 5.70 2.72 -14.92
C3 GOL S . 7.90 1.86 -14.42
O3 GOL S . 7.98 2.48 -13.17
C1 GOL T . 11.33 -10.69 -5.81
O1 GOL T . 12.72 -10.93 -5.81
C2 GOL T . 11.08 -9.30 -6.50
O2 GOL T . 11.63 -8.26 -5.76
C3 GOL T . 9.53 -9.19 -6.62
O3 GOL T . 9.11 -10.12 -7.58
#